data_1ZYG
#
_entry.id   1ZYG
#
_cell.length_a   1.000
_cell.length_b   1.000
_cell.length_c   1.000
_cell.angle_alpha   90.00
_cell.angle_beta   90.00
_cell.angle_gamma   90.00
#
_symmetry.space_group_name_H-M   'P 1'
#
_entity_poly.entity_id   1
_entity_poly.type   'polydeoxyribonucleotide'
_entity_poly.pdbx_seq_one_letter_code
;(DC)(DA)(DA)(DC)(DC)(DC)(DG)(DG)(DG)(DT)(DT)(DG)
;
_entity_poly.pdbx_strand_id   A,B
#
loop_
_chem_comp.id
_chem_comp.type
_chem_comp.name
_chem_comp.formula
DA DNA linking 2'-DEOXYADENOSINE-5'-MONOPHOSPHATE 'C10 H14 N5 O6 P'
DC DNA linking 2'-DEOXYCYTIDINE-5'-MONOPHOSPHATE 'C9 H14 N3 O7 P'
DG DNA linking 2'-DEOXYGUANOSINE-5'-MONOPHOSPHATE 'C10 H14 N5 O7 P'
DT DNA linking THYMIDINE-5'-MONOPHOSPHATE 'C10 H15 N2 O8 P'
#